data_4GGA
#
_entry.id   4GGA
#
_cell.length_a   40.865
_cell.length_b   87.258
_cell.length_c   110.954
_cell.angle_alpha   90.000
_cell.angle_beta   90.000
_cell.angle_gamma   90.000
#
_symmetry.space_group_name_H-M   'P 21 21 21'
#
loop_
_entity.id
_entity.type
_entity.pdbx_description
1 polymer 'Cell division cycle protein 20 homolog'
2 water water
#
_entity_poly.entity_id   1
_entity_poly.type   'polypeptide(L)'
_entity_poly.pdbx_seq_one_letter_code
;GPHRSAAQMEVASFLLSKENQPENSQTPTKKEHQKAWALNLNGFDVEEAKILRLSGKPQNAPEGYQNRLKVLYSQKATPG
SSRKTCRYIPSLPDRILDAPEIRNDYYLNLVDWSSGNVLAVALDNSVYLWSASSGDILQLLQMEQPGEYISSVAWIKEGN
YLAVGTSSAEVQLWDVQQQKRLRNMTSHSARVGSLSWNSYILSSGSRSGHIHHHDVRVAEHHVATLSGHSQEVCGLRWAP
DGRHLASGGNDNLVNVWPSAPGEGGWVPLQTFTQHQGAVKAVAWCPWQSNVLATGGGTSDRHIRIWNVCSGACLSAVDAH
SQVCSILWSPHYKELISGHGFAQNQLVIWKYPTMAKVAELKGHTSRVLSLTMSPDGATVASAAADETLRLWRCFELDPAR
RREREKASAAKSSLIHQGIR
;
_entity_poly.pdbx_strand_id   A
#
# COMPACT_ATOMS: atom_id res chain seq x y z
N CYS A 86 -5.60 -26.65 0.46
CA CYS A 86 -5.95 -27.90 1.14
C CYS A 86 -6.76 -27.62 2.39
N ARG A 87 -6.91 -26.34 2.72
CA ARG A 87 -7.78 -25.92 3.84
C ARG A 87 -9.03 -25.24 3.28
N TYR A 88 -10.01 -25.00 4.14
CA TYR A 88 -11.19 -24.25 3.78
C TYR A 88 -10.93 -22.74 3.70
N ILE A 89 -11.15 -22.19 2.52
CA ILE A 89 -11.12 -20.76 2.31
C ILE A 89 -12.47 -20.32 1.76
N PRO A 90 -13.18 -19.46 2.49
CA PRO A 90 -14.49 -19.01 1.97
C PRO A 90 -14.35 -18.36 0.60
N SER A 91 -15.33 -18.61 -0.26
CA SER A 91 -15.33 -18.05 -1.60
C SER A 91 -16.02 -16.70 -1.69
N LEU A 92 -16.63 -16.27 -0.60
CA LEU A 92 -17.33 -14.98 -0.54
C LEU A 92 -16.78 -14.15 0.59
N PRO A 93 -16.84 -12.84 0.49
CA PRO A 93 -16.36 -12.05 1.62
C PRO A 93 -17.25 -12.25 2.85
N ASP A 94 -16.66 -11.97 3.99
CA ASP A 94 -17.35 -11.99 5.27
C ASP A 94 -18.28 -10.80 5.45
N ARG A 95 -17.80 -9.61 5.06
CA ARG A 95 -18.54 -8.37 5.18
C ARG A 95 -18.22 -7.48 4.01
N ILE A 96 -19.14 -6.58 3.68
CA ILE A 96 -18.92 -5.65 2.61
C ILE A 96 -19.29 -4.28 3.06
N LEU A 97 -18.36 -3.34 2.92
CA LEU A 97 -18.59 -1.97 3.34
C LEU A 97 -18.79 -1.12 2.10
N ASP A 98 -19.73 -0.18 2.16
CA ASP A 98 -19.91 0.76 1.05
C ASP A 98 -18.78 1.77 1.02
N ALA A 99 -18.28 2.02 -0.19
CA ALA A 99 -17.18 2.95 -0.41
C ALA A 99 -17.59 3.99 -1.47
N PRO A 100 -18.69 4.70 -1.21
CA PRO A 100 -19.23 5.60 -2.23
C PRO A 100 -18.24 6.68 -2.59
N GLU A 101 -18.01 6.90 -3.86
CA GLU A 101 -17.22 8.04 -4.32
C GLU A 101 -15.73 7.76 -4.22
N ILE A 102 -15.37 6.50 -4.00
CA ILE A 102 -13.95 6.17 -3.98
C ILE A 102 -13.37 6.53 -5.36
N ARG A 103 -12.21 7.16 -5.34
CA ARG A 103 -11.60 7.65 -6.57
C ARG A 103 -10.91 6.51 -7.34
N ASN A 104 -11.41 6.26 -8.53
CA ASN A 104 -10.94 5.16 -9.34
C ASN A 104 -9.69 5.62 -10.07
N ASP A 105 -8.60 5.75 -9.34
CA ASP A 105 -7.35 6.21 -9.91
C ASP A 105 -6.33 5.18 -9.47
N TYR A 106 -5.79 4.45 -10.43
CA TYR A 106 -4.92 3.34 -10.15
C TYR A 106 -3.77 3.69 -9.22
N TYR A 107 -3.25 4.91 -9.33
CA TYR A 107 -1.99 5.22 -8.70
C TYR A 107 -2.10 5.60 -7.24
N LEU A 108 -3.32 5.68 -6.70
CA LEU A 108 -3.54 6.21 -5.36
C LEU A 108 -3.55 5.10 -4.34
N ASN A 109 -3.30 5.42 -3.09
CA ASN A 109 -3.32 4.42 -2.06
C ASN A 109 -4.26 4.85 -0.95
N LEU A 110 -5.52 4.43 -1.08
CA LEU A 110 -6.62 5.08 -0.39
C LEU A 110 -7.16 4.36 0.82
N VAL A 111 -6.60 3.21 1.19
CA VAL A 111 -7.08 2.52 2.39
C VAL A 111 -5.97 1.93 3.25
N ASP A 112 -6.13 1.99 4.56
CA ASP A 112 -5.14 1.40 5.45
C ASP A 112 -5.84 0.96 6.72
N TRP A 113 -5.45 -0.22 7.20
CA TRP A 113 -6.08 -0.84 8.37
C TRP A 113 -5.10 -0.75 9.54
N SER A 114 -5.50 -0.04 10.60
CA SER A 114 -4.58 0.27 11.69
C SER A 114 -4.33 -0.91 12.59
N SER A 115 -3.27 -0.83 13.39
CA SER A 115 -2.97 -1.86 14.40
C SER A 115 -4.03 -1.90 15.52
N GLY A 116 -4.78 -0.80 15.67
CA GLY A 116 -5.92 -0.75 16.60
C GLY A 116 -7.25 -1.14 15.97
N ASN A 117 -7.17 -1.70 14.76
CA ASN A 117 -8.30 -2.36 14.13
C ASN A 117 -9.31 -1.36 13.61
N VAL A 118 -8.79 -0.26 13.07
CA VAL A 118 -9.60 0.76 12.42
C VAL A 118 -9.21 0.91 10.97
N LEU A 119 -10.19 0.81 10.09
CA LEU A 119 -9.93 1.10 8.68
C LEU A 119 -10.05 2.58 8.40
N ALA A 120 -9.01 3.14 7.78
CA ALA A 120 -9.10 4.48 7.20
C ALA A 120 -9.36 4.34 5.71
N VAL A 121 -10.38 5.03 5.22
CA VAL A 121 -10.76 4.97 3.81
C VAL A 121 -10.94 6.37 3.27
N ALA A 122 -10.20 6.71 2.23
CA ALA A 122 -10.34 8.02 1.61
C ALA A 122 -11.42 7.92 0.57
N LEU A 123 -12.45 8.73 0.70
CA LEU A 123 -13.55 8.74 -0.30
C LEU A 123 -13.66 10.16 -0.84
N ASP A 124 -13.20 10.36 -2.06
CA ASP A 124 -13.11 11.69 -2.67
C ASP A 124 -12.34 12.68 -1.77
N ASN A 125 -13.02 13.66 -1.17
CA ASN A 125 -12.33 14.69 -0.40
C ASN A 125 -12.44 14.46 1.09
N SER A 126 -12.86 13.27 1.47
CA SER A 126 -12.97 12.95 2.88
C SER A 126 -12.27 11.66 3.28
N VAL A 127 -11.99 11.55 4.58
CA VAL A 127 -11.51 10.32 5.18
C VAL A 127 -12.50 9.82 6.23
N TYR A 128 -12.90 8.57 6.10
CA TYR A 128 -13.71 7.90 7.09
C TYR A 128 -12.92 6.86 7.85
N LEU A 129 -13.20 6.78 9.14
CA LEU A 129 -12.64 5.72 9.95
C LEU A 129 -13.77 4.79 10.28
N TRP A 130 -13.51 3.49 10.14
CA TRP A 130 -14.45 2.45 10.52
C TRP A 130 -13.77 1.51 11.46
N SER A 131 -14.34 1.38 12.66
CA SER A 131 -13.81 0.43 13.65
C SER A 131 -14.29 -0.99 13.35
N ALA A 132 -13.37 -1.91 13.16
CA ALA A 132 -13.80 -3.25 12.81
C ALA A 132 -14.32 -3.98 14.06
N SER A 133 -14.15 -3.40 15.24
CA SER A 133 -14.65 -4.01 16.47
C SER A 133 -16.08 -3.59 16.75
N SER A 134 -16.33 -2.29 16.74
CA SER A 134 -17.62 -1.75 17.13
C SER A 134 -18.56 -1.40 15.99
N GLY A 135 -18.03 -1.24 14.77
CA GLY A 135 -18.84 -0.85 13.65
C GLY A 135 -19.06 0.65 13.59
N ASP A 136 -18.50 1.37 14.55
CA ASP A 136 -18.63 2.80 14.57
C ASP A 136 -17.89 3.45 13.42
N ILE A 137 -18.49 4.49 12.84
CA ILE A 137 -17.88 5.28 11.77
C ILE A 137 -17.62 6.71 12.20
N LEU A 138 -16.51 7.27 11.73
CA LEU A 138 -16.20 8.68 11.91
C LEU A 138 -15.75 9.34 10.61
N GLN A 139 -16.32 10.47 10.27
CA GLN A 139 -15.74 11.29 9.22
C GLN A 139 -14.63 12.17 9.80
N LEU A 140 -13.39 11.75 9.61
CA LEU A 140 -12.29 12.39 10.29
C LEU A 140 -12.09 13.81 9.79
N LEU A 141 -12.17 13.97 8.48
CA LEU A 141 -11.94 15.25 7.84
C LEU A 141 -12.66 15.32 6.53
N GLN A 142 -12.71 16.55 6.00
CA GLN A 142 -13.21 16.83 4.66
C GLN A 142 -12.52 18.08 4.14
N MET A 143 -11.97 18.01 2.93
CA MET A 143 -11.22 19.12 2.40
C MET A 143 -12.15 20.27 2.02
N GLU A 144 -11.73 21.49 2.36
CA GLU A 144 -12.53 22.67 2.07
C GLU A 144 -12.52 23.00 0.59
N GLN A 145 -11.32 23.14 0.04
CA GLN A 145 -11.16 23.64 -1.31
C GLN A 145 -11.74 22.69 -2.34
N PRO A 146 -12.44 23.23 -3.34
CA PRO A 146 -13.09 22.47 -4.41
C PRO A 146 -12.15 21.78 -5.39
N GLY A 147 -12.46 20.53 -5.74
CA GLY A 147 -11.69 19.81 -6.73
C GLY A 147 -10.51 19.12 -6.10
N GLU A 148 -10.21 19.49 -4.86
CA GLU A 148 -9.18 18.80 -4.11
C GLU A 148 -9.68 17.46 -3.60
N TYR A 149 -8.76 16.52 -3.49
CA TYR A 149 -9.11 15.17 -3.12
C TYR A 149 -7.97 14.56 -2.36
N ILE A 150 -8.32 13.53 -1.61
CA ILE A 150 -7.33 12.79 -0.84
C ILE A 150 -6.62 11.77 -1.75
N SER A 151 -5.31 11.71 -1.63
CA SER A 151 -4.51 10.87 -2.50
C SER A 151 -3.82 9.71 -1.78
N SER A 152 -3.72 9.74 -0.46
CA SER A 152 -3.14 8.59 0.28
C SER A 152 -3.44 8.65 1.76
N VAL A 153 -3.50 7.49 2.39
CA VAL A 153 -3.58 7.41 3.85
C VAL A 153 -2.59 6.37 4.36
N ALA A 154 -2.08 6.58 5.57
CA ALA A 154 -1.24 5.60 6.25
C ALA A 154 -1.19 5.81 7.76
N TRP A 155 -1.54 4.76 8.49
CA TRP A 155 -1.50 4.79 9.93
C TRP A 155 -0.07 4.65 10.42
N ILE A 156 0.26 5.39 11.48
CA ILE A 156 1.52 5.14 12.18
C ILE A 156 1.43 3.77 12.85
N LYS A 157 2.57 3.19 13.16
CA LYS A 157 2.62 1.82 13.72
C LYS A 157 1.63 1.57 14.87
N GLU A 158 1.53 2.49 15.80
CA GLU A 158 0.66 2.27 16.96
C GLU A 158 -0.79 2.69 16.70
N GLY A 159 -1.09 3.16 15.50
CA GLY A 159 -2.45 3.44 15.09
C GLY A 159 -3.19 4.59 15.72
N ASN A 160 -2.51 5.53 16.37
CA ASN A 160 -3.20 6.67 16.98
C ASN A 160 -3.06 7.97 16.17
N TYR A 161 -2.19 7.94 15.16
CA TYR A 161 -2.02 9.04 14.22
C TYR A 161 -2.18 8.51 12.81
N LEU A 162 -2.76 9.33 11.96
CA LEU A 162 -2.95 8.96 10.54
C LEU A 162 -2.33 10.03 9.67
N ALA A 163 -1.49 9.60 8.72
CA ALA A 163 -0.97 10.50 7.70
C ALA A 163 -1.90 10.48 6.50
N VAL A 164 -2.07 11.63 5.89
CA VAL A 164 -3.02 11.80 4.81
C VAL A 164 -2.34 12.67 3.76
N GLY A 165 -2.14 12.14 2.57
CA GLY A 165 -1.58 12.93 1.49
C GLY A 165 -2.70 13.48 0.63
N THR A 166 -2.48 14.62 -0.03
CA THR A 166 -3.55 15.26 -0.78
C THR A 166 -3.16 15.61 -2.20
N SER A 167 -4.19 15.87 -3.01
CA SER A 167 -4.01 16.35 -4.38
C SER A 167 -3.30 17.68 -4.40
N SER A 168 -3.43 18.45 -3.34
CA SER A 168 -2.77 19.75 -3.25
C SER A 168 -1.34 19.67 -2.68
N ALA A 169 -0.78 18.46 -2.64
CA ALA A 169 0.64 18.24 -2.32
C ALA A 169 1.00 18.39 -0.82
N GLU A 170 0.04 18.14 0.07
CA GLU A 170 0.26 18.22 1.50
C GLU A 170 0.36 16.81 2.09
N VAL A 171 1.15 16.68 3.12
CA VAL A 171 1.10 15.49 3.94
C VAL A 171 0.60 15.95 5.31
N GLN A 172 -0.62 15.58 5.64
CA GLN A 172 -1.19 15.98 6.90
C GLN A 172 -1.06 14.87 7.92
N LEU A 173 -0.86 15.23 9.19
CA LEU A 173 -0.94 14.19 10.20
C LEU A 173 -1.97 14.54 11.25
N TRP A 174 -2.79 13.54 11.54
CA TRP A 174 -4.01 13.70 12.30
C TRP A 174 -3.90 12.88 13.56
N ASP A 175 -4.25 13.49 14.68
CA ASP A 175 -4.48 12.77 15.92
C ASP A 175 -5.94 12.40 15.89
N VAL A 176 -6.23 11.12 15.73
CA VAL A 176 -7.59 10.68 15.47
C VAL A 176 -8.44 10.66 16.74
N GLN A 177 -7.81 10.32 17.86
CA GLN A 177 -8.47 10.32 19.16
C GLN A 177 -9.12 11.68 19.41
N GLN A 178 -8.34 12.75 19.31
CA GLN A 178 -8.90 14.07 19.54
C GLN A 178 -9.27 14.76 18.24
N GLN A 179 -9.26 14.00 17.16
CA GLN A 179 -9.83 14.46 15.92
C GLN A 179 -9.26 15.81 15.45
N LYS A 180 -7.96 15.98 15.62
CA LYS A 180 -7.34 17.20 15.16
C LYS A 180 -6.05 16.99 14.36
N ARG A 181 -5.79 17.97 13.52
CA ARG A 181 -4.65 17.96 12.65
C ARG A 181 -3.48 18.52 13.41
N LEU A 182 -2.41 17.76 13.49
CA LEU A 182 -1.23 18.20 14.20
C LEU A 182 -0.29 18.95 13.29
N ARG A 183 -0.19 18.53 12.04
CA ARG A 183 0.72 19.18 11.12
C ARG A 183 0.16 19.17 9.72
N ASN A 184 0.58 20.16 8.93
CA ASN A 184 0.30 20.23 7.51
C ASN A 184 1.63 20.42 6.79
N MET A 185 2.26 19.32 6.41
CA MET A 185 3.62 19.40 5.85
C MET A 185 3.59 19.59 4.33
N THR A 186 4.28 20.60 3.83
CA THR A 186 4.12 21.05 2.46
C THR A 186 5.40 21.14 1.66
N SER A 187 6.15 20.06 1.59
CA SER A 187 7.39 20.05 0.82
C SER A 187 7.25 19.63 -0.68
N HIS A 188 6.25 18.83 -1.00
CA HIS A 188 6.09 18.33 -2.36
C HIS A 188 5.52 19.37 -3.35
N SER A 189 5.75 19.14 -4.64
CA SER A 189 5.24 20.02 -5.68
C SER A 189 4.09 19.41 -6.47
N ALA A 190 3.67 18.20 -6.09
CA ALA A 190 2.60 17.52 -6.81
C ALA A 190 1.91 16.56 -5.87
N ARG A 191 0.82 15.95 -6.32
CA ARG A 191 0.02 15.15 -5.40
C ARG A 191 0.83 14.06 -4.72
N VAL A 192 0.45 13.71 -3.49
CA VAL A 192 1.15 12.70 -2.71
C VAL A 192 0.30 11.42 -2.68
N GLY A 193 0.68 10.46 -3.52
CA GLY A 193 -0.10 9.26 -3.75
C GLY A 193 0.36 8.07 -2.94
N SER A 194 1.49 8.19 -2.24
CA SER A 194 2.00 7.07 -1.47
C SER A 194 2.72 7.50 -0.21
N LEU A 195 2.56 6.68 0.83
CA LEU A 195 3.08 6.95 2.16
C LEU A 195 3.52 5.66 2.82
N SER A 196 4.57 5.75 3.63
CA SER A 196 5.01 4.62 4.42
C SER A 196 5.77 5.12 5.62
N TRP A 197 5.40 4.60 6.79
CA TRP A 197 6.07 4.99 8.02
C TRP A 197 7.24 4.06 8.37
N ASN A 198 8.27 4.62 9.00
CA ASN A 198 9.32 3.85 9.63
C ASN A 198 9.54 4.51 10.98
N SER A 199 8.87 3.98 11.99
CA SER A 199 8.84 4.63 13.29
C SER A 199 8.36 6.10 13.09
N TYR A 200 9.15 7.08 13.52
CA TYR A 200 8.72 8.48 13.46
C TYR A 200 9.08 9.14 12.14
N ILE A 201 9.64 8.37 11.23
CA ILE A 201 9.91 8.90 9.93
C ILE A 201 8.72 8.53 9.07
N LEU A 202 8.16 9.52 8.38
CA LEU A 202 7.13 9.25 7.40
C LEU A 202 7.70 9.57 6.03
N SER A 203 7.63 8.61 5.12
CA SER A 203 8.09 8.81 3.75
C SER A 203 6.90 8.98 2.86
N SER A 204 6.98 9.96 1.96
CA SER A 204 5.89 10.25 1.04
C SER A 204 6.39 10.28 -0.41
N GLY A 205 5.63 9.66 -1.30
CA GLY A 205 5.94 9.65 -2.72
C GLY A 205 4.95 10.50 -3.49
N SER A 206 5.41 11.09 -4.57
CA SER A 206 4.68 12.13 -5.28
C SER A 206 4.59 11.83 -6.77
N ARG A 207 3.61 12.44 -7.44
CA ARG A 207 3.50 12.35 -8.88
C ARG A 207 4.70 12.92 -9.67
N SER A 208 5.46 13.80 -9.02
CA SER A 208 6.69 14.36 -9.59
C SER A 208 7.79 13.31 -9.67
N GLY A 209 7.60 12.19 -8.98
CA GLY A 209 8.61 11.15 -8.93
C GLY A 209 9.58 11.23 -7.76
N HIS A 210 9.41 12.20 -6.87
CA HIS A 210 10.29 12.30 -5.71
C HIS A 210 9.69 11.68 -4.46
N ILE A 211 10.58 11.21 -3.60
CA ILE A 211 10.23 10.70 -2.31
C ILE A 211 10.85 11.64 -1.30
N HIS A 212 10.05 12.12 -0.34
CA HIS A 212 10.55 12.85 0.81
C HIS A 212 10.41 12.03 2.08
N HIS A 213 11.47 12.06 2.89
CA HIS A 213 11.42 11.66 4.29
C HIS A 213 11.07 12.84 5.22
N HIS A 214 10.10 12.62 6.09
CA HIS A 214 9.63 13.60 7.05
C HIS A 214 9.90 13.12 8.48
N ASP A 215 10.72 13.86 9.23
CA ASP A 215 10.81 13.60 10.68
C ASP A 215 9.71 14.39 11.36
N VAL A 216 8.66 13.70 11.74
CA VAL A 216 7.45 14.39 12.18
C VAL A 216 7.59 15.03 13.56
N ARG A 217 8.69 14.75 14.24
CA ARG A 217 8.93 15.25 15.59
C ARG A 217 9.59 16.62 15.58
N VAL A 218 10.13 17.05 14.46
CA VAL A 218 10.98 18.25 14.48
C VAL A 218 10.43 19.35 13.60
N ALA A 219 10.90 20.57 13.87
CA ALA A 219 10.40 21.79 13.23
C ALA A 219 10.51 21.75 11.70
N GLU A 220 11.72 21.54 11.19
CA GLU A 220 11.91 21.35 9.75
C GLU A 220 11.77 19.87 9.39
N HIS A 221 10.54 19.46 9.10
CA HIS A 221 10.22 18.05 8.96
C HIS A 221 10.93 17.38 7.78
N HIS A 222 11.21 18.14 6.72
CA HIS A 222 11.75 17.55 5.50
C HIS A 222 13.24 17.31 5.61
N VAL A 223 13.63 16.06 5.85
CA VAL A 223 15.03 15.74 6.16
C VAL A 223 15.77 14.95 5.07
N ALA A 224 15.08 14.53 4.01
CA ALA A 224 15.76 13.89 2.90
C ALA A 224 14.91 13.92 1.65
N THR A 225 15.56 13.91 0.49
CA THR A 225 14.87 13.77 -0.78
C THR A 225 15.52 12.60 -1.50
N LEU A 226 14.68 11.68 -1.98
CA LEU A 226 15.15 10.50 -2.68
C LEU A 226 14.61 10.57 -4.09
N SER A 227 15.51 10.70 -5.07
CA SER A 227 15.07 10.98 -6.43
C SER A 227 15.51 9.90 -7.38
N GLY A 228 14.64 8.93 -7.60
CA GLY A 228 15.01 7.82 -8.46
C GLY A 228 13.93 7.42 -9.43
N HIS A 229 12.88 8.24 -9.55
CA HIS A 229 11.79 7.93 -10.46
C HIS A 229 11.53 9.12 -11.32
N SER A 230 11.18 8.87 -12.58
CA SER A 230 10.92 9.94 -13.51
C SER A 230 9.41 10.16 -13.69
N GLN A 231 8.59 9.27 -13.13
CA GLN A 231 7.15 9.46 -13.15
C GLN A 231 6.60 9.13 -11.75
N GLU A 232 5.28 9.11 -11.61
CA GLU A 232 4.68 9.00 -10.27
C GLU A 232 5.13 7.82 -9.43
N VAL A 233 5.49 8.09 -8.19
CA VAL A 233 5.72 7.03 -7.19
C VAL A 233 4.41 6.52 -6.61
N CYS A 234 3.99 5.33 -7.04
CA CYS A 234 2.68 4.81 -6.73
C CYS A 234 2.78 3.67 -5.74
N GLY A 235 4.00 3.21 -5.49
CA GLY A 235 4.25 2.17 -4.51
C GLY A 235 5.39 2.57 -3.59
N LEU A 236 5.17 2.51 -2.28
CA LEU A 236 6.19 2.95 -1.32
C LEU A 236 6.07 2.17 -0.05
N ARG A 237 7.14 1.47 0.35
CA ARG A 237 7.03 0.54 1.46
C ARG A 237 8.35 0.35 2.15
N TRP A 238 8.42 0.78 3.40
CA TRP A 238 9.49 0.39 4.32
C TRP A 238 9.40 -1.09 4.68
N ALA A 239 10.56 -1.73 4.74
CA ALA A 239 10.68 -3.09 5.21
C ALA A 239 10.37 -3.12 6.67
N PRO A 240 9.72 -4.21 7.13
CA PRO A 240 9.37 -4.36 8.55
C PRO A 240 10.58 -4.17 9.47
N ASP A 241 11.76 -4.58 9.04
CA ASP A 241 12.93 -4.39 9.91
C ASP A 241 13.54 -2.99 9.78
N GLY A 242 12.97 -2.13 8.95
CA GLY A 242 13.49 -0.78 8.81
C GLY A 242 14.79 -0.61 8.03
N ARG A 243 15.33 -1.70 7.49
CA ARG A 243 16.63 -1.65 6.80
C ARG A 243 16.62 -1.16 5.33
N HIS A 244 15.46 -1.25 4.67
CA HIS A 244 15.34 -0.86 3.27
C HIS A 244 13.97 -0.26 3.05
N LEU A 245 13.89 0.62 2.07
CA LEU A 245 12.63 1.15 1.60
C LEU A 245 12.51 0.79 0.14
N ALA A 246 11.36 0.27 -0.24
CA ALA A 246 11.13 -0.05 -1.64
C ALA A 246 10.17 0.97 -2.24
N SER A 247 10.43 1.36 -3.48
CA SER A 247 9.50 2.24 -4.20
C SER A 247 9.27 1.71 -5.59
N GLY A 248 8.04 1.89 -6.04
CA GLY A 248 7.58 1.47 -7.34
C GLY A 248 6.97 2.67 -8.04
N GLY A 249 7.19 2.76 -9.34
CA GLY A 249 6.79 3.94 -10.09
C GLY A 249 6.06 3.67 -11.37
N ASN A 250 5.41 4.72 -11.86
CA ASN A 250 4.77 4.69 -13.18
C ASN A 250 5.81 4.71 -14.32
N ASP A 251 7.07 4.87 -13.96
CA ASP A 251 8.15 4.74 -14.93
C ASP A 251 8.67 3.29 -15.03
N ASN A 252 7.86 2.34 -14.59
CA ASN A 252 8.15 0.91 -14.71
C ASN A 252 9.43 0.48 -13.97
N LEU A 253 9.64 1.07 -12.82
CA LEU A 253 10.91 0.93 -12.13
C LEU A 253 10.65 0.54 -10.69
N VAL A 254 11.51 -0.30 -10.15
CA VAL A 254 11.48 -0.55 -8.72
C VAL A 254 12.83 -0.15 -8.18
N ASN A 255 12.83 0.63 -7.10
CA ASN A 255 14.07 0.99 -6.42
C ASN A 255 14.05 0.45 -5.01
N VAL A 256 15.20 0.01 -4.56
CA VAL A 256 15.38 -0.35 -3.18
C VAL A 256 16.41 0.61 -2.65
N TRP A 257 15.98 1.35 -1.63
CA TRP A 257 16.77 2.39 -1.00
C TRP A 257 17.33 1.93 0.35
N PRO A 258 18.51 2.44 0.71
CA PRO A 258 19.14 2.23 2.02
C PRO A 258 18.45 3.07 3.09
N SER A 259 18.56 2.70 4.36
CA SER A 259 17.95 3.47 5.46
C SER A 259 18.72 4.74 5.80
N ALA A 260 19.96 4.82 5.36
CA ALA A 260 20.76 6.05 5.50
C ALA A 260 21.57 6.26 4.22
N PRO A 261 21.85 7.52 3.87
CA PRO A 261 22.53 7.81 2.60
C PRO A 261 23.96 7.26 2.62
N GLY A 262 24.46 6.87 1.46
CA GLY A 262 25.68 6.11 1.38
C GLY A 262 26.89 6.94 0.98
N GLU A 263 26.82 8.24 1.21
CA GLU A 263 27.98 9.10 0.95
C GLU A 263 28.31 9.15 -0.55
N GLY A 264 27.34 8.71 -1.36
CA GLY A 264 27.24 9.12 -2.74
C GLY A 264 25.95 9.92 -2.83
N GLY A 265 25.43 10.28 -1.66
CA GLY A 265 24.13 10.89 -1.54
C GLY A 265 23.06 9.82 -1.41
N TRP A 266 21.80 10.22 -1.58
CA TRP A 266 20.69 9.26 -1.57
C TRP A 266 20.54 8.59 -2.95
N VAL A 267 21.01 7.35 -3.01
CA VAL A 267 21.15 6.58 -4.24
C VAL A 267 20.60 5.18 -3.95
N PRO A 268 19.84 4.61 -4.88
CA PRO A 268 19.33 3.25 -4.67
C PRO A 268 20.40 2.18 -4.52
N LEU A 269 20.15 1.22 -3.63
CA LEU A 269 20.97 0.02 -3.52
C LEU A 269 20.66 -0.95 -4.67
N GLN A 270 19.39 -1.02 -5.09
CA GLN A 270 19.01 -1.85 -6.22
C GLN A 270 18.00 -1.11 -7.03
N THR A 271 18.02 -1.39 -8.32
CA THR A 271 17.06 -0.84 -9.26
C THR A 271 16.73 -1.92 -10.25
N PHE A 272 15.45 -2.25 -10.32
CA PHE A 272 14.96 -3.31 -11.18
C PHE A 272 14.10 -2.73 -12.30
N THR A 273 14.43 -3.10 -13.53
CA THR A 273 13.71 -2.62 -14.73
C THR A 273 12.86 -3.70 -15.40
N GLN A 274 12.74 -4.85 -14.78
CA GLN A 274 12.16 -5.95 -15.50
C GLN A 274 10.66 -5.79 -15.70
N HIS A 275 9.97 -4.97 -14.91
CA HIS A 275 8.55 -4.80 -15.13
C HIS A 275 8.33 -3.84 -16.30
N GLN A 276 7.39 -4.17 -17.19
CA GLN A 276 7.12 -3.36 -18.37
C GLN A 276 5.83 -2.55 -18.17
N GLY A 277 5.56 -2.16 -16.95
CA GLY A 277 4.34 -1.41 -16.65
C GLY A 277 4.48 -0.83 -15.26
N ALA A 278 3.53 0.00 -14.85
CA ALA A 278 3.59 0.63 -13.53
C ALA A 278 3.68 -0.39 -12.37
N VAL A 279 4.46 -0.07 -11.34
CA VAL A 279 4.60 -0.95 -10.21
C VAL A 279 3.99 -0.31 -8.98
N LYS A 280 2.71 -0.58 -8.73
CA LYS A 280 2.06 -0.06 -7.56
C LYS A 280 2.19 -1.04 -6.42
N ALA A 281 2.29 -2.32 -6.79
CA ALA A 281 2.27 -3.40 -5.82
C ALA A 281 3.67 -3.65 -5.33
N VAL A 282 3.85 -3.46 -4.02
CA VAL A 282 5.16 -3.52 -3.35
C VAL A 282 4.97 -4.01 -1.93
N ALA A 283 5.63 -5.11 -1.57
CA ALA A 283 5.42 -5.73 -0.26
C ALA A 283 6.57 -6.58 0.17
N TRP A 284 7.03 -6.37 1.41
CA TRP A 284 8.17 -7.13 1.94
C TRP A 284 7.76 -8.42 2.65
N CYS A 285 8.55 -9.47 2.49
CA CYS A 285 8.34 -10.69 3.23
C CYS A 285 8.60 -10.49 4.73
N PRO A 286 7.60 -10.73 5.55
CA PRO A 286 7.71 -10.59 7.00
C PRO A 286 8.69 -11.53 7.66
N TRP A 287 8.99 -12.68 7.07
CA TRP A 287 9.91 -13.64 7.69
C TRP A 287 11.23 -13.83 6.97
N GLN A 288 11.45 -13.09 5.89
CA GLN A 288 12.76 -13.03 5.25
C GLN A 288 13.03 -11.59 4.88
N SER A 289 13.95 -11.00 5.64
CA SER A 289 14.29 -9.59 5.60
C SER A 289 14.58 -9.13 4.16
N ASN A 290 15.30 -9.92 3.41
CA ASN A 290 15.75 -9.52 2.09
C ASN A 290 14.77 -9.74 0.96
N VAL A 291 13.57 -10.28 1.24
CA VAL A 291 12.71 -10.72 0.13
C VAL A 291 11.63 -9.69 -0.11
N LEU A 292 11.52 -9.27 -1.35
CA LEU A 292 10.57 -8.25 -1.76
C LEU A 292 9.66 -8.80 -2.86
N ALA A 293 8.37 -8.54 -2.76
CA ALA A 293 7.46 -8.88 -3.87
C ALA A 293 6.95 -7.62 -4.53
N THR A 294 6.93 -7.62 -5.85
CA THR A 294 6.37 -6.49 -6.60
C THR A 294 5.46 -6.97 -7.73
N GLY A 295 4.58 -6.07 -8.15
CA GLY A 295 3.59 -6.38 -9.18
C GLY A 295 3.39 -5.27 -10.19
N GLY A 296 3.33 -5.64 -11.47
CA GLY A 296 3.18 -4.69 -12.54
C GLY A 296 1.74 -4.50 -13.02
N GLY A 297 1.48 -3.34 -13.61
CA GLY A 297 0.17 -2.94 -14.08
C GLY A 297 -0.21 -3.65 -15.35
N THR A 298 -1.11 -3.04 -16.13
CA THR A 298 -1.75 -3.75 -17.24
C THR A 298 -0.81 -4.11 -18.38
N SER A 299 0.26 -3.34 -18.55
CA SER A 299 1.23 -3.62 -19.61
C SER A 299 2.18 -4.70 -19.17
N ASP A 300 2.16 -5.06 -17.90
CA ASP A 300 3.17 -6.00 -17.40
C ASP A 300 2.59 -7.33 -16.88
N ARG A 301 1.66 -7.25 -15.93
CA ARG A 301 0.89 -8.41 -15.48
C ARG A 301 1.67 -9.49 -14.74
N HIS A 302 2.87 -9.14 -14.25
CA HIS A 302 3.68 -10.09 -13.52
C HIS A 302 3.85 -9.75 -12.04
N ILE A 303 3.94 -10.79 -11.24
CA ILE A 303 4.42 -10.71 -9.87
C ILE A 303 5.86 -11.22 -9.89
N ARG A 304 6.74 -10.43 -9.31
CA ARG A 304 8.15 -10.79 -9.20
C ARG A 304 8.57 -10.78 -7.75
N ILE A 305 9.40 -11.77 -7.41
CA ILE A 305 9.97 -11.89 -6.10
C ILE A 305 11.47 -11.67 -6.23
N TRP A 306 12.01 -10.78 -5.40
CA TRP A 306 13.42 -10.42 -5.42
C TRP A 306 14.17 -10.75 -4.14
N ASN A 307 15.47 -11.07 -4.29
CA ASN A 307 16.43 -11.04 -3.20
C ASN A 307 17.18 -9.69 -3.28
N VAL A 308 16.82 -8.74 -2.43
CA VAL A 308 17.31 -7.38 -2.58
C VAL A 308 18.81 -7.22 -2.22
N CYS A 309 19.37 -8.23 -1.57
N CYS A 309 19.41 -8.25 -1.63
CA CYS A 309 20.80 -8.22 -1.29
CA CYS A 309 20.81 -8.14 -1.29
C CYS A 309 21.58 -8.43 -2.60
C CYS A 309 21.75 -8.59 -2.44
N SER A 310 21.30 -9.53 -3.27
CA SER A 310 22.03 -9.91 -4.49
C SER A 310 21.48 -9.24 -5.75
N GLY A 311 20.26 -8.73 -5.68
CA GLY A 311 19.59 -8.20 -6.83
C GLY A 311 18.89 -9.24 -7.69
N ALA A 312 18.93 -10.51 -7.28
CA ALA A 312 18.38 -11.55 -8.15
C ALA A 312 16.85 -11.60 -8.12
N CYS A 313 16.28 -11.86 -9.28
CA CYS A 313 14.87 -12.25 -9.36
C CYS A 313 14.79 -13.71 -8.96
N LEU A 314 14.01 -14.01 -7.93
CA LEU A 314 13.87 -15.37 -7.45
C LEU A 314 12.75 -16.06 -8.20
N SER A 315 11.78 -15.25 -8.64
CA SER A 315 10.58 -15.81 -9.23
C SER A 315 9.85 -14.75 -10.03
N ALA A 316 9.19 -15.16 -11.10
CA ALA A 316 8.32 -14.28 -11.85
C ALA A 316 7.14 -15.10 -12.36
N VAL A 317 5.92 -14.63 -12.10
CA VAL A 317 4.74 -15.34 -12.55
C VAL A 317 3.79 -14.41 -13.22
N ASP A 318 3.15 -14.93 -14.24
CA ASP A 318 2.22 -14.17 -15.07
C ASP A 318 0.85 -14.25 -14.41
N ALA A 319 0.32 -13.11 -13.97
CA ALA A 319 -0.94 -13.06 -13.28
C ALA A 319 -2.12 -12.85 -14.23
N HIS A 320 -1.80 -12.57 -15.50
CA HIS A 320 -2.78 -12.39 -16.57
C HIS A 320 -3.66 -11.16 -16.41
N SER A 321 -3.24 -10.27 -15.53
CA SER A 321 -3.98 -9.06 -15.26
C SER A 321 -3.08 -8.08 -14.52
N GLN A 322 -3.49 -6.81 -14.47
CA GLN A 322 -2.79 -5.86 -13.63
C GLN A 322 -2.76 -6.38 -12.21
N VAL A 323 -1.69 -6.05 -11.51
CA VAL A 323 -1.54 -6.40 -10.12
C VAL A 323 -1.46 -5.10 -9.35
N CYS A 324 -2.53 -4.75 -8.68
CA CYS A 324 -2.62 -3.48 -7.97
C CYS A 324 -1.99 -3.51 -6.57
N SER A 325 -2.07 -4.65 -5.88
CA SER A 325 -1.49 -4.77 -4.54
C SER A 325 -1.11 -6.19 -4.25
N ILE A 326 -0.22 -6.34 -3.29
CA ILE A 326 0.23 -7.63 -2.80
C ILE A 326 0.35 -7.55 -1.28
N LEU A 327 -0.02 -8.62 -0.60
CA LEU A 327 0.23 -8.73 0.84
C LEU A 327 0.81 -10.11 1.05
N TRP A 328 1.60 -10.24 2.10
CA TRP A 328 2.12 -11.51 2.52
C TRP A 328 1.39 -11.93 3.78
N SER A 329 1.25 -13.24 3.92
CA SER A 329 0.70 -13.82 5.15
C SER A 329 1.57 -14.92 5.70
N PRO A 330 2.00 -14.75 6.95
CA PRO A 330 2.83 -15.77 7.57
C PRO A 330 2.03 -16.91 8.14
N HIS A 331 0.72 -16.80 8.18
CA HIS A 331 -0.10 -17.91 8.70
C HIS A 331 0.12 -19.25 7.96
N TYR A 332 0.18 -19.22 6.62
CA TYR A 332 0.45 -20.43 5.84
C TYR A 332 1.58 -20.17 4.84
N LYS A 333 2.23 -19.02 4.99
CA LYS A 333 3.29 -18.56 4.08
C LYS A 333 2.82 -18.48 2.65
N GLU A 334 2.02 -17.45 2.42
CA GLU A 334 1.32 -17.21 1.17
C GLU A 334 1.44 -15.73 0.86
N LEU A 335 1.14 -15.37 -0.38
CA LEU A 335 0.94 -13.97 -0.74
C LEU A 335 -0.45 -13.91 -1.31
N ILE A 336 -1.03 -12.73 -1.30
CA ILE A 336 -2.30 -12.52 -1.93
C ILE A 336 -2.15 -11.25 -2.77
N SER A 337 -2.68 -11.30 -4.00
CA SER A 337 -2.61 -10.19 -4.93
C SER A 337 -4.00 -9.78 -5.40
N GLY A 338 -4.16 -8.50 -5.70
CA GLY A 338 -5.42 -7.97 -6.19
C GLY A 338 -5.25 -7.64 -7.66
N HIS A 339 -6.34 -7.75 -8.44
CA HIS A 339 -6.27 -7.70 -9.87
C HIS A 339 -7.42 -6.91 -10.51
N GLY A 340 -7.29 -6.63 -11.79
CA GLY A 340 -8.37 -6.01 -12.53
C GLY A 340 -8.93 -6.91 -13.63
N PHE A 341 -9.15 -6.28 -14.77
CA PHE A 341 -9.71 -6.93 -15.95
C PHE A 341 -9.03 -8.26 -16.23
N ALA A 342 -9.78 -9.34 -16.46
CA ALA A 342 -11.23 -9.32 -16.63
C ALA A 342 -12.03 -9.81 -15.41
N GLN A 343 -11.35 -10.51 -14.49
CA GLN A 343 -12.01 -11.20 -13.39
C GLN A 343 -12.09 -10.43 -12.07
N ASN A 344 -11.37 -9.32 -11.98
CA ASN A 344 -11.35 -8.47 -10.79
C ASN A 344 -11.17 -9.27 -9.50
N GLN A 345 -10.30 -10.26 -9.56
CA GLN A 345 -10.18 -11.21 -8.48
C GLN A 345 -8.96 -10.97 -7.57
N LEU A 346 -8.98 -11.64 -6.42
CA LEU A 346 -7.81 -11.78 -5.55
C LEU A 346 -7.29 -13.22 -5.75
N VAL A 347 -5.98 -13.39 -5.79
CA VAL A 347 -5.40 -14.71 -5.94
C VAL A 347 -4.51 -14.95 -4.73
N ILE A 348 -4.65 -16.11 -4.11
CA ILE A 348 -3.71 -16.51 -3.05
C ILE A 348 -2.68 -17.48 -3.60
N TRP A 349 -1.39 -17.14 -3.42
CA TRP A 349 -0.27 -17.92 -3.95
C TRP A 349 0.56 -18.51 -2.81
N LYS A 350 1.03 -19.74 -2.99
CA LYS A 350 1.87 -20.40 -2.00
C LYS A 350 3.32 -19.96 -2.17
N TYR A 351 3.99 -19.59 -1.08
CA TYR A 351 5.40 -19.21 -1.17
C TYR A 351 6.30 -20.36 -0.80
N PRO A 352 7.36 -20.64 -1.61
CA PRO A 352 7.87 -19.94 -2.80
C PRO A 352 7.49 -20.55 -4.14
N THR A 353 6.75 -21.66 -4.12
CA THR A 353 6.40 -22.31 -5.39
C THR A 353 5.50 -21.47 -6.27
N MET A 354 4.85 -20.48 -5.68
CA MET A 354 3.88 -19.66 -6.39
C MET A 354 2.74 -20.48 -7.02
N ALA A 355 2.43 -21.62 -6.41
CA ALA A 355 1.24 -22.38 -6.76
C ALA A 355 0.02 -21.59 -6.35
N LYS A 356 -1.01 -21.56 -7.20
CA LYS A 356 -2.28 -20.93 -6.85
C LYS A 356 -3.02 -21.75 -5.80
N VAL A 357 -3.44 -21.10 -4.73
CA VAL A 357 -4.17 -21.73 -3.62
C VAL A 357 -5.66 -21.42 -3.76
N ALA A 358 -5.98 -20.23 -4.26
CA ALA A 358 -7.37 -19.81 -4.41
C ALA A 358 -7.48 -18.54 -5.21
N GLU A 359 -8.67 -18.36 -5.79
CA GLU A 359 -9.03 -17.12 -6.44
C GLU A 359 -10.32 -16.62 -5.80
N LEU A 360 -10.33 -15.37 -5.35
CA LEU A 360 -11.49 -14.86 -4.64
C LEU A 360 -12.22 -13.85 -5.53
N LYS A 361 -13.41 -14.25 -5.98
CA LYS A 361 -14.17 -13.45 -6.93
C LYS A 361 -15.36 -12.86 -6.23
N GLY A 362 -15.82 -11.72 -6.74
CA GLY A 362 -16.85 -10.95 -6.05
C GLY A 362 -16.90 -9.53 -6.55
N HIS A 363 -15.75 -8.86 -6.66
CA HIS A 363 -15.78 -7.48 -7.15
C HIS A 363 -16.23 -7.42 -8.59
N THR A 364 -16.89 -6.33 -8.97
CA THR A 364 -17.43 -6.18 -10.32
C THR A 364 -16.67 -5.12 -11.16
N SER A 365 -15.69 -4.46 -10.56
CA SER A 365 -14.77 -3.59 -11.28
C SER A 365 -13.37 -3.79 -10.68
N ARG A 366 -12.34 -3.15 -11.23
CA ARG A 366 -10.97 -3.49 -10.85
C ARG A 366 -10.68 -3.26 -9.35
N VAL A 367 -9.90 -4.14 -8.76
CA VAL A 367 -9.43 -3.90 -7.41
C VAL A 367 -8.39 -2.78 -7.44
N LEU A 368 -8.34 -2.00 -6.36
CA LEU A 368 -7.45 -0.84 -6.27
C LEU A 368 -6.38 -1.01 -5.18
N SER A 369 -6.77 -1.52 -4.01
CA SER A 369 -5.86 -1.70 -2.88
C SER A 369 -6.28 -2.86 -2.05
N LEU A 370 -5.29 -3.45 -1.38
CA LEU A 370 -5.46 -4.46 -0.36
C LEU A 370 -4.86 -3.98 0.96
N THR A 371 -5.46 -4.35 2.09
CA THR A 371 -4.85 -4.08 3.39
C THR A 371 -5.25 -5.19 4.34
N MET A 372 -4.41 -5.44 5.33
N MET A 372 -4.42 -5.44 5.34
CA MET A 372 -4.57 -6.59 6.22
CA MET A 372 -4.63 -6.59 6.22
C MET A 372 -5.00 -6.17 7.63
C MET A 372 -4.96 -6.21 7.65
N SER A 373 -5.82 -7.00 8.28
CA SER A 373 -6.23 -6.79 9.67
C SER A 373 -5.07 -7.05 10.62
N PRO A 374 -5.17 -6.55 11.85
CA PRO A 374 -4.06 -6.76 12.80
C PRO A 374 -3.86 -8.25 13.13
N ASP A 375 -4.91 -9.05 13.17
CA ASP A 375 -4.72 -10.47 13.47
C ASP A 375 -4.33 -11.25 12.21
N GLY A 376 -4.38 -10.61 11.05
CA GLY A 376 -3.90 -11.19 9.82
C GLY A 376 -4.85 -12.20 9.19
N ALA A 377 -6.04 -12.37 9.76
CA ALA A 377 -6.98 -13.34 9.23
C ALA A 377 -7.76 -12.78 8.02
N THR A 378 -7.95 -11.47 8.01
CA THR A 378 -8.80 -10.80 7.07
C THR A 378 -8.04 -9.81 6.23
N VAL A 379 -8.36 -9.84 4.94
CA VAL A 379 -7.91 -8.86 3.97
C VAL A 379 -9.09 -8.03 3.50
N ALA A 380 -8.90 -6.71 3.49
CA ALA A 380 -9.85 -5.80 2.87
C ALA A 380 -9.37 -5.43 1.50
N SER A 381 -10.24 -5.56 0.53
CA SER A 381 -9.94 -5.15 -0.83
C SER A 381 -10.88 -4.04 -1.20
N ALA A 382 -10.32 -2.93 -1.64
CA ALA A 382 -11.09 -1.78 -2.12
C ALA A 382 -11.09 -1.78 -3.62
N ALA A 383 -12.26 -1.56 -4.22
CA ALA A 383 -12.42 -1.67 -5.66
C ALA A 383 -13.20 -0.51 -6.25
N ALA A 384 -13.07 -0.36 -7.56
CA ALA A 384 -13.70 0.70 -8.32
C ALA A 384 -15.22 0.52 -8.39
N ASP A 385 -15.71 -0.62 -7.92
CA ASP A 385 -17.15 -0.84 -7.79
C ASP A 385 -17.71 -0.20 -6.52
N GLU A 386 -16.91 0.62 -5.84
CA GLU A 386 -17.36 1.31 -4.62
C GLU A 386 -17.71 0.39 -3.49
N THR A 387 -16.96 -0.70 -3.35
CA THR A 387 -17.02 -1.50 -2.16
C THR A 387 -15.65 -1.79 -1.58
N LEU A 388 -15.65 -2.05 -0.29
CA LEU A 388 -14.57 -2.75 0.36
C LEU A 388 -15.12 -4.10 0.74
N ARG A 389 -14.51 -5.17 0.24
CA ARG A 389 -14.84 -6.52 0.65
C ARG A 389 -13.84 -7.04 1.66
N LEU A 390 -14.35 -7.58 2.77
CA LEU A 390 -13.50 -8.16 3.82
C LEU A 390 -13.51 -9.68 3.75
N TRP A 391 -12.36 -10.27 3.39
CA TRP A 391 -12.26 -11.71 3.18
C TRP A 391 -11.51 -12.38 4.32
N ARG A 392 -12.16 -13.31 5.01
CA ARG A 392 -11.49 -14.02 6.09
C ARG A 392 -10.78 -15.20 5.49
N CYS A 393 -9.70 -14.94 4.76
CA CYS A 393 -9.11 -15.99 3.94
C CYS A 393 -7.85 -16.60 4.57
N PHE A 394 -7.41 -16.07 5.71
CA PHE A 394 -6.17 -16.55 6.32
C PHE A 394 -6.40 -16.98 7.76
N GLU A 395 -7.63 -17.37 8.07
CA GLU A 395 -7.89 -17.83 9.42
C GLU A 395 -7.03 -19.05 9.75
N LEU A 396 -6.44 -19.04 10.93
CA LEU A 396 -5.83 -20.22 11.49
C LEU A 396 -7.01 -20.95 12.10
N ASP A 397 -7.03 -22.25 12.04
CA ASP A 397 -8.19 -23.00 12.55
C ASP A 397 -9.54 -22.49 12.01
N PRO A 398 -9.79 -22.74 10.71
CA PRO A 398 -11.13 -22.53 10.16
C PRO A 398 -12.11 -23.58 10.72
N ALA A 399 -12.62 -23.33 11.92
CA ALA A 399 -13.58 -24.25 12.56
C ALA A 399 -13.97 -23.73 13.94
#